data_7BU1
#
_entry.id   7BU1
#
_cell.length_a   56.841
_cell.length_b   69.980
_cell.length_c   128.202
_cell.angle_alpha   90.000
_cell.angle_beta   90.000
_cell.angle_gamma   90.000
#
_symmetry.space_group_name_H-M   'P 21 21 21'
#
loop_
_entity.id
_entity.type
_entity.pdbx_description
1 polymer 'Putative tRNA (Adenine(37)-N6)-methyltransferase'
2 non-polymer S-ADENOSYLMETHIONINE
3 water water
#
_entity_poly.entity_id   1
_entity_poly.type   'polypeptide(L)'
_entity_poly.pdbx_seq_one_letter_code
;GSEFELMTHSVSPIGYIRSCFMEKFAIPRQPLLAPAARGTLELLPPFDQVEALEGLEQVSHVWLLFLFHQALEDKPRLKV
RPPRLGGNRSLGVFATRATHRPNGIGQSVVRLEGFEAGRLWLSGIDLLDGTPVLDIKPYVPYADAVADARNGIADAPPPG
IAVEWSEQARRQAHEHGQRLRQPVAELIEQCLAQDPRPAYQKPEPGRRYGVRLWDLDVHWHYPRPDLIRVLDVAGGD
;
_entity_poly.pdbx_strand_id   A,B
#
# COMPACT_ATOMS: atom_id res chain seq x y z
N MET A 7 -7.96 -19.79 -11.98
CA MET A 7 -7.53 -19.70 -10.59
C MET A 7 -8.39 -18.70 -9.83
N THR A 8 -9.04 -19.16 -8.76
CA THR A 8 -9.90 -18.34 -7.94
C THR A 8 -9.45 -18.38 -6.48
N HIS A 9 -9.56 -17.24 -5.80
CA HIS A 9 -9.25 -17.16 -4.38
C HIS A 9 -10.35 -16.35 -3.71
N SER A 10 -10.82 -16.82 -2.56
CA SER A 10 -11.94 -16.18 -1.89
C SER A 10 -11.45 -15.41 -0.67
N VAL A 11 -11.94 -14.19 -0.53
CA VAL A 11 -11.62 -13.31 0.58
C VAL A 11 -12.91 -12.93 1.27
N SER A 12 -12.82 -12.67 2.57
CA SER A 12 -13.95 -12.18 3.35
C SER A 12 -13.46 -11.07 4.28
N PRO A 13 -14.33 -10.14 4.63
CA PRO A 13 -13.91 -9.01 5.46
C PRO A 13 -13.51 -9.45 6.85
N ILE A 14 -12.47 -8.80 7.39
CA ILE A 14 -12.17 -8.93 8.82
C ILE A 14 -12.98 -7.95 9.64
N GLY A 15 -13.63 -6.99 9.01
CA GLY A 15 -14.43 -5.99 9.70
C GLY A 15 -14.96 -4.98 8.70
N TYR A 16 -15.76 -4.06 9.22
CA TYR A 16 -16.40 -3.04 8.38
C TYR A 16 -16.12 -1.65 8.93
N ILE A 17 -15.99 -0.70 8.00
CA ILE A 17 -15.70 0.69 8.34
C ILE A 17 -16.98 1.38 8.75
N ARG A 18 -16.94 2.10 9.87
CA ARG A 18 -17.94 3.11 10.20
C ARG A 18 -17.32 4.48 9.94
N SER A 19 -17.90 5.24 9.02
CA SER A 19 -17.24 6.42 8.49
C SER A 19 -18.14 7.66 8.52
N CYS A 20 -17.48 8.82 8.45
CA CYS A 20 -18.16 10.10 8.33
C CYS A 20 -18.74 10.32 6.94
N PHE A 21 -18.19 9.65 5.92
CA PHE A 21 -18.57 9.91 4.53
C PHE A 21 -19.69 8.95 4.09
N MET A 22 -20.83 9.50 3.66
CA MET A 22 -21.90 8.69 3.12
C MET A 22 -21.98 8.71 1.60
N GLU A 23 -21.23 9.59 0.94
CA GLU A 23 -21.29 9.67 -0.52
C GLU A 23 -19.91 10.05 -1.04
N LYS A 24 -19.68 9.78 -2.32
CA LYS A 24 -18.35 9.97 -2.89
C LYS A 24 -17.97 11.45 -2.99
N PHE A 25 -18.94 12.32 -3.26
CA PHE A 25 -18.64 13.72 -3.53
C PHE A 25 -18.08 14.41 -2.30
N ALA A 26 -17.11 15.29 -2.52
CA ALA A 26 -16.42 16.08 -1.51
C ALA A 26 -15.55 15.26 -0.56
N ILE A 27 -15.27 14.01 -0.87
CA ILE A 27 -14.25 13.30 -0.10
C ILE A 27 -12.89 13.88 -0.47
N PRO A 28 -12.08 14.34 0.48
CA PRO A 28 -10.88 15.10 0.11
C PRO A 28 -9.94 14.30 -0.77
N ARG A 29 -9.33 14.98 -1.73
CA ARG A 29 -8.33 14.33 -2.56
C ARG A 29 -7.01 14.13 -1.80
N GLN A 30 -6.82 14.80 -0.67
CA GLN A 30 -5.71 14.52 0.25
C GLN A 30 -6.29 14.27 1.64
N PRO A 31 -6.77 13.05 1.88
CA PRO A 31 -7.43 12.76 3.17
C PRO A 31 -6.51 12.91 4.37
N LEU A 32 -5.23 12.57 4.25
CA LEU A 32 -4.39 12.68 5.43
C LEU A 32 -4.14 14.12 5.84
N LEU A 33 -4.50 15.10 5.01
CA LEU A 33 -4.54 16.50 5.42
C LEU A 33 -5.91 16.90 5.95
N ALA A 34 -6.84 15.96 6.03
CA ALA A 34 -8.10 16.12 6.73
C ALA A 34 -8.12 15.24 7.97
N PRO A 35 -7.47 15.64 9.07
CA PRO A 35 -7.46 14.78 10.26
C PRO A 35 -8.83 14.61 10.89
N ALA A 36 -9.79 15.49 10.60
CA ALA A 36 -11.12 15.32 11.15
C ALA A 36 -11.92 14.27 10.42
N ALA A 37 -11.43 13.79 9.27
CA ALA A 37 -12.06 12.67 8.58
C ALA A 37 -11.88 11.42 9.44
N ARG A 38 -12.80 11.24 10.38
CA ARG A 38 -12.68 10.19 11.37
C ARG A 38 -13.58 9.02 11.01
N GLY A 39 -13.22 7.86 11.56
CA GLY A 39 -13.97 6.63 11.37
C GLY A 39 -13.40 5.56 12.27
N THR A 40 -14.11 4.45 12.35
CA THR A 40 -13.66 3.29 13.11
C THR A 40 -13.77 2.05 12.25
N LEU A 41 -12.92 1.07 12.55
CA LEU A 41 -12.98 -0.24 11.92
C LEU A 41 -13.49 -1.24 12.96
N GLU A 42 -14.71 -1.71 12.77
CA GLU A 42 -15.33 -2.67 13.69
C GLU A 42 -14.96 -4.06 13.19
N LEU A 43 -14.13 -4.77 13.96
CA LEU A 43 -13.61 -6.07 13.56
C LEU A 43 -14.53 -7.21 14.00
N LEU A 44 -14.73 -8.16 13.11
CA LEU A 44 -15.58 -9.33 13.28
C LEU A 44 -14.78 -10.46 13.92
N PRO A 45 -15.45 -11.49 14.45
CA PRO A 45 -14.72 -12.62 15.03
C PRO A 45 -14.24 -13.57 13.95
N PRO A 46 -13.05 -14.18 14.10
CA PRO A 46 -12.09 -14.24 15.22
C PRO A 46 -11.06 -13.08 15.36
N PHE A 47 -11.29 -11.93 14.73
CA PHE A 47 -10.33 -10.84 14.82
C PHE A 47 -10.72 -9.79 15.85
N ASP A 48 -11.71 -10.11 16.70
CA ASP A 48 -12.13 -9.23 17.78
C ASP A 48 -11.18 -9.25 18.97
N GLN A 49 -10.28 -10.23 19.05
CA GLN A 49 -9.42 -10.35 20.22
C GLN A 49 -8.22 -9.39 20.10
N VAL A 50 -7.93 -8.68 21.19
CA VAL A 50 -6.89 -7.66 21.20
C VAL A 50 -5.51 -8.21 20.85
N GLU A 51 -5.31 -9.53 20.97
CA GLU A 51 -4.02 -10.11 20.63
C GLU A 51 -3.68 -9.89 19.15
N ALA A 52 -4.69 -9.77 18.29
CA ALA A 52 -4.42 -9.52 16.89
C ALA A 52 -3.87 -8.12 16.64
N LEU A 53 -3.86 -7.25 17.65
CA LEU A 53 -3.41 -5.88 17.47
C LEU A 53 -2.19 -5.52 18.28
N GLU A 54 -1.66 -6.44 19.09
CA GLU A 54 -0.53 -6.12 19.95
C GLU A 54 0.65 -5.64 19.12
N GLY A 55 1.20 -4.49 19.50
CA GLY A 55 2.28 -3.86 18.79
C GLY A 55 1.86 -2.63 18.01
N LEU A 56 0.58 -2.49 17.70
CA LEU A 56 0.10 -1.32 16.96
C LEU A 56 0.27 -0.03 17.74
N GLU A 57 0.55 -0.09 19.04
CA GLU A 57 0.73 1.12 19.83
C GLU A 57 1.96 1.93 19.43
N GLN A 58 2.88 1.36 18.66
CA GLN A 58 4.06 2.06 18.21
C GLN A 58 4.03 2.38 16.71
N VAL A 59 2.88 2.26 16.06
CA VAL A 59 2.76 2.60 14.65
C VAL A 59 1.73 3.72 14.49
N SER A 60 2.12 4.77 13.78
CA SER A 60 1.31 5.96 13.65
C SER A 60 0.22 5.76 12.61
N HIS A 61 0.58 5.17 11.47
CA HIS A 61 -0.29 5.03 10.34
C HIS A 61 -0.44 3.57 9.97
N VAL A 62 -1.56 3.24 9.32
CA VAL A 62 -1.86 1.87 8.98
C VAL A 62 -2.42 1.82 7.56
N TRP A 63 -2.09 0.76 6.83
CA TRP A 63 -2.71 0.45 5.55
C TRP A 63 -3.99 -0.35 5.77
N LEU A 64 -5.01 -0.05 4.98
CA LEU A 64 -6.23 -0.87 4.94
C LEU A 64 -6.43 -1.34 3.51
N LEU A 65 -6.43 -2.66 3.31
CA LEU A 65 -6.90 -3.22 2.06
C LEU A 65 -8.39 -3.48 2.21
N PHE A 66 -9.17 -2.97 1.24
CA PHE A 66 -10.61 -2.97 1.34
C PHE A 66 -11.21 -3.24 -0.03
N LEU A 67 -12.52 -3.49 -0.02
CA LEU A 67 -13.27 -3.73 -1.25
C LEU A 67 -14.07 -2.49 -1.60
N PHE A 68 -14.03 -2.11 -2.88
CA PHE A 68 -14.84 -0.99 -3.39
C PHE A 68 -16.29 -1.45 -3.54
N HIS A 69 -16.97 -1.59 -2.40
CA HIS A 69 -18.29 -2.22 -2.43
C HIS A 69 -19.34 -1.36 -3.13
N GLN A 70 -19.12 -0.05 -3.30
CA GLN A 70 -20.09 0.77 -4.02
C GLN A 70 -19.62 1.13 -5.42
N ALA A 71 -18.70 0.35 -5.99
CA ALA A 71 -18.27 0.57 -7.36
C ALA A 71 -18.72 -0.59 -8.24
N SER A 90 -6.97 9.24 -21.72
CA SER A 90 -7.05 7.80 -21.96
C SER A 90 -6.07 6.99 -21.11
N LEU A 91 -6.15 7.12 -19.79
CA LEU A 91 -5.22 6.40 -18.93
C LEU A 91 -5.63 4.94 -18.79
N GLY A 92 -4.62 4.08 -18.62
CA GLY A 92 -4.91 2.69 -18.33
C GLY A 92 -5.33 2.52 -16.88
N VAL A 93 -6.15 1.49 -16.63
CA VAL A 93 -6.66 1.29 -15.28
C VAL A 93 -5.51 1.05 -14.30
N PHE A 94 -4.50 0.30 -14.73
CA PHE A 94 -3.36 0.03 -13.88
C PHE A 94 -2.45 1.24 -13.72
N ALA A 95 -2.69 2.31 -14.46
CA ALA A 95 -2.01 3.57 -14.25
C ALA A 95 -2.77 4.52 -13.32
N THR A 96 -3.89 4.06 -12.74
CA THR A 96 -4.73 4.91 -11.90
C THR A 96 -5.01 4.22 -10.58
N ARG A 97 -5.51 5.01 -9.63
CA ARG A 97 -6.07 4.47 -8.39
C ARG A 97 -7.60 4.43 -8.43
N ALA A 98 -8.18 4.21 -9.61
CA ALA A 98 -9.63 4.27 -9.78
C ALA A 98 -10.31 3.20 -8.94
N THR A 99 -11.57 3.45 -8.61
CA THR A 99 -12.30 2.51 -7.77
C THR A 99 -12.96 1.40 -8.56
N HIS A 100 -13.05 1.51 -9.89
CA HIS A 100 -13.59 0.45 -10.74
C HIS A 100 -12.39 -0.22 -11.41
N ARG A 101 -11.92 -1.32 -10.82
CA ARG A 101 -10.70 -1.96 -11.27
C ARG A 101 -10.84 -3.47 -11.09
N PRO A 102 -10.04 -4.26 -11.80
CA PRO A 102 -10.10 -5.72 -11.62
C PRO A 102 -9.91 -6.12 -10.16
N ASN A 103 -10.76 -7.05 -9.71
CA ASN A 103 -10.81 -7.61 -8.36
C ASN A 103 -11.33 -6.61 -7.34
N GLY A 104 -11.45 -5.34 -7.72
CA GLY A 104 -12.14 -4.36 -6.89
C GLY A 104 -11.57 -4.11 -5.51
N ILE A 105 -10.25 -4.09 -5.39
CA ILE A 105 -9.58 -3.93 -4.10
C ILE A 105 -8.95 -2.54 -4.01
N GLY A 106 -9.20 -1.86 -2.90
CA GLY A 106 -8.60 -0.58 -2.61
C GLY A 106 -7.47 -0.70 -1.59
N GLN A 107 -6.70 0.39 -1.48
CA GLN A 107 -5.54 0.44 -0.60
C GLN A 107 -5.39 1.87 -0.09
N SER A 108 -5.54 2.07 1.22
CA SER A 108 -5.43 3.41 1.80
C SER A 108 -4.59 3.38 3.06
N VAL A 109 -3.80 4.42 3.25
CA VAL A 109 -3.06 4.64 4.48
C VAL A 109 -3.81 5.68 5.29
N VAL A 110 -4.18 5.32 6.52
CA VAL A 110 -4.90 6.20 7.43
C VAL A 110 -4.11 6.29 8.74
N ARG A 111 -4.33 7.38 9.47
CA ARG A 111 -3.69 7.50 10.77
C ARG A 111 -4.44 6.64 11.78
N LEU A 112 -3.69 5.95 12.63
CA LEU A 112 -4.26 5.15 13.70
C LEU A 112 -4.20 5.97 14.98
N GLU A 113 -5.36 6.39 15.47
CA GLU A 113 -5.44 7.18 16.69
C GLU A 113 -5.45 6.33 17.93
N GLY A 114 -5.97 5.12 17.83
CA GLY A 114 -6.03 4.22 18.98
C GLY A 114 -6.73 2.95 18.57
N PHE A 115 -6.76 2.00 19.50
CA PHE A 115 -7.43 0.73 19.25
C PHE A 115 -7.87 0.11 20.58
N GLU A 116 -9.05 -0.50 20.56
CA GLU A 116 -9.57 -1.30 21.66
C GLU A 116 -9.75 -2.73 21.15
N ALA A 117 -10.62 -3.50 21.80
CA ALA A 117 -10.70 -4.94 21.54
C ALA A 117 -11.02 -5.24 20.08
N GLY A 118 -12.21 -4.86 19.64
CA GLY A 118 -12.56 -5.11 18.25
C GLY A 118 -12.85 -3.84 17.48
N ARG A 119 -12.05 -2.80 17.71
CA ARG A 119 -12.27 -1.51 17.07
C ARG A 119 -10.97 -0.77 16.91
N LEU A 120 -10.73 -0.24 15.72
CA LEU A 120 -9.66 0.71 15.47
C LEU A 120 -10.26 2.08 15.24
N TRP A 121 -9.63 3.11 15.82
CA TRP A 121 -10.05 4.50 15.61
C TRP A 121 -9.15 5.10 14.54
N LEU A 122 -9.77 5.53 13.44
CA LEU A 122 -9.03 6.00 12.28
C LEU A 122 -9.24 7.49 12.08
N SER A 123 -8.26 8.13 11.46
CA SER A 123 -8.26 9.55 11.19
C SER A 123 -7.72 9.80 9.79
N GLY A 124 -8.23 10.83 9.13
CA GLY A 124 -7.78 11.15 7.79
C GLY A 124 -8.16 10.12 6.73
N ILE A 125 -9.36 9.54 6.85
CA ILE A 125 -9.76 8.44 5.98
C ILE A 125 -10.38 8.98 4.70
N ASP A 126 -10.38 8.13 3.67
CA ASP A 126 -11.05 8.40 2.40
C ASP A 126 -12.07 7.33 2.06
N LEU A 127 -12.58 6.62 3.06
CA LEU A 127 -13.38 5.42 2.82
C LEU A 127 -14.86 5.67 3.08
N LEU A 128 -15.70 5.14 2.20
CA LEU A 128 -17.14 5.26 2.37
C LEU A 128 -17.61 4.50 3.61
N ASP A 129 -18.73 4.95 4.16
CA ASP A 129 -19.34 4.23 5.26
C ASP A 129 -19.77 2.84 4.82
N GLY A 130 -19.50 1.86 5.66
CA GLY A 130 -19.85 0.48 5.35
C GLY A 130 -18.86 -0.26 4.47
N THR A 131 -17.61 0.20 4.37
CA THR A 131 -16.66 -0.46 3.48
C THR A 131 -16.08 -1.71 4.15
N PRO A 132 -16.08 -2.86 3.46
CA PRO A 132 -15.48 -4.07 4.04
C PRO A 132 -13.96 -4.03 3.95
N VAL A 133 -13.31 -4.28 5.08
CA VAL A 133 -11.86 -4.24 5.19
C VAL A 133 -11.33 -5.67 5.16
N LEU A 134 -10.36 -5.93 4.27
CA LEU A 134 -9.79 -7.26 4.09
C LEU A 134 -8.54 -7.51 4.92
N ASP A 135 -7.82 -6.46 5.27
CA ASP A 135 -6.52 -6.62 5.87
C ASP A 135 -6.13 -5.32 6.55
N ILE A 136 -5.28 -5.44 7.57
CA ILE A 136 -4.66 -4.32 8.24
C ILE A 136 -3.15 -4.53 8.18
N LYS A 137 -2.43 -3.54 7.66
CA LYS A 137 -0.97 -3.62 7.56
C LYS A 137 -0.35 -2.38 8.18
N PRO A 138 0.66 -2.53 9.03
CA PRO A 138 1.36 -1.36 9.55
C PRO A 138 2.16 -0.65 8.46
N TYR A 139 2.08 0.68 8.46
CA TYR A 139 2.89 1.46 7.54
C TYR A 139 4.35 1.40 7.97
N VAL A 140 5.23 0.99 7.07
CA VAL A 140 6.65 0.88 7.37
C VAL A 140 7.38 1.94 6.56
N PRO A 141 7.86 3.01 7.21
CA PRO A 141 8.44 4.13 6.44
C PRO A 141 9.56 3.73 5.49
N TYR A 142 10.55 2.94 5.95
CA TYR A 142 11.68 2.62 5.07
C TYR A 142 11.26 1.78 3.87
N ALA A 143 10.13 1.08 3.94
CA ALA A 143 9.66 0.27 2.81
C ALA A 143 8.53 0.94 2.03
N ASP A 144 7.73 1.79 2.67
CA ASP A 144 6.58 2.34 1.99
C ASP A 144 6.78 3.78 1.49
N ALA A 145 7.70 4.53 2.07
CA ALA A 145 7.96 5.91 1.64
C ALA A 145 9.12 5.91 0.65
N VAL A 146 8.83 5.99 -0.64
CA VAL A 146 9.85 5.99 -1.68
C VAL A 146 10.22 7.43 -2.01
N ALA A 147 11.39 7.86 -1.53
CA ALA A 147 11.82 9.24 -1.70
C ALA A 147 12.05 9.61 -3.17
N ASP A 148 12.69 8.73 -3.93
CA ASP A 148 12.94 9.00 -5.34
C ASP A 148 11.77 8.61 -6.25
N ALA A 149 10.62 8.29 -5.68
CA ALA A 149 9.47 7.95 -6.50
C ALA A 149 8.98 9.17 -7.28
N ARG A 150 8.38 8.89 -8.44
CA ARG A 150 7.95 9.93 -9.37
C ARG A 150 6.66 9.47 -10.04
N ASN A 151 5.67 10.37 -10.12
CA ASN A 151 4.42 10.03 -10.80
C ASN A 151 3.91 11.26 -11.53
N GLY A 152 4.01 11.24 -12.85
CA GLY A 152 3.55 12.32 -13.70
C GLY A 152 2.05 12.28 -13.95
N ILE A 153 1.51 11.06 -14.07
CA ILE A 153 0.10 10.84 -14.38
C ILE A 153 -0.84 11.25 -13.25
N ALA A 154 -0.36 11.38 -12.03
CA ALA A 154 -1.25 11.72 -10.94
C ALA A 154 -1.57 13.20 -10.94
N ASP A 155 -2.69 13.55 -10.32
CA ASP A 155 -3.14 14.94 -10.25
C ASP A 155 -2.85 15.57 -8.89
N PRO A 159 -5.06 22.20 -4.40
CA PRO A 159 -4.75 23.62 -4.62
C PRO A 159 -5.14 24.48 -3.43
N GLY A 160 -6.45 24.48 -3.12
CA GLY A 160 -6.97 25.18 -1.96
C GLY A 160 -7.92 26.33 -2.28
N ILE A 161 -8.91 26.51 -1.44
CA ILE A 161 -9.86 27.61 -1.57
C ILE A 161 -10.11 28.17 -0.17
N ALA A 162 -10.44 29.46 -0.11
CA ALA A 162 -10.84 30.08 1.15
C ALA A 162 -12.27 29.67 1.51
N VAL A 163 -12.52 29.50 2.81
CA VAL A 163 -13.82 29.10 3.32
C VAL A 163 -14.26 30.12 4.37
N GLU A 164 -15.50 30.60 4.26
CA GLU A 164 -16.10 31.46 5.27
C GLU A 164 -17.42 30.83 5.72
N TRP A 165 -17.89 31.28 6.88
CA TRP A 165 -19.05 30.68 7.54
C TRP A 165 -20.10 31.74 7.79
N SER A 166 -21.37 31.36 7.59
CA SER A 166 -22.47 32.13 8.12
C SER A 166 -22.57 31.89 9.62
N GLU A 167 -23.01 32.90 10.36
CA GLU A 167 -23.17 32.73 11.80
C GLU A 167 -24.08 31.54 12.11
N GLN A 168 -25.12 31.34 11.31
CA GLN A 168 -26.03 30.23 11.53
C GLN A 168 -25.32 28.89 11.34
N ALA A 169 -24.55 28.75 10.26
CA ALA A 169 -23.86 27.49 10.00
C ALA A 169 -22.80 27.20 11.04
N ARG A 170 -22.11 28.25 11.54
CA ARG A 170 -21.17 28.05 12.62
C ARG A 170 -21.86 27.54 13.87
N ARG A 171 -23.01 28.12 14.22
CA ARG A 171 -23.76 27.63 15.38
C ARG A 171 -24.31 26.23 15.14
N GLN A 172 -24.80 25.95 13.93
CA GLN A 172 -25.37 24.63 13.66
C GLN A 172 -24.29 23.55 13.67
N ALA A 173 -23.13 23.82 13.06
CA ALA A 173 -22.05 22.83 13.05
C ALA A 173 -21.57 22.52 14.46
N HIS A 174 -21.54 23.52 15.33
CA HIS A 174 -21.10 23.27 16.70
C HIS A 174 -22.11 22.43 17.46
N GLU A 175 -23.40 22.75 17.31
CA GLU A 175 -24.42 21.98 18.03
C GLU A 175 -24.44 20.53 17.58
N HIS A 176 -24.35 20.29 16.27
CA HIS A 176 -24.33 18.91 15.79
C HIS A 176 -23.04 18.20 16.19
N GLY A 177 -21.96 18.94 16.40
CA GLY A 177 -20.73 18.33 16.86
C GLY A 177 -20.83 17.83 18.28
N GLN A 178 -21.49 18.60 19.16
CA GLN A 178 -21.73 18.14 20.52
C GLN A 178 -22.72 16.97 20.56
N ARG A 179 -23.71 16.97 19.66
CA ARG A 179 -24.65 15.86 19.62
C ARG A 179 -23.97 14.60 19.13
N LEU A 180 -23.18 14.70 18.06
CA LEU A 180 -22.52 13.54 17.49
C LEU A 180 -21.24 13.17 18.23
N ARG A 181 -20.69 14.07 19.02
CA ARG A 181 -19.36 13.89 19.59
C ARG A 181 -18.36 13.59 18.47
N GLN A 182 -18.31 14.52 17.51
CA GLN A 182 -17.46 14.47 16.34
C GLN A 182 -17.11 15.89 15.94
N PRO A 183 -15.92 16.12 15.41
CA PRO A 183 -15.54 17.50 14.99
C PRO A 183 -16.19 17.93 13.68
N VAL A 184 -17.48 18.26 13.74
CA VAL A 184 -18.24 18.56 12.53
C VAL A 184 -17.69 19.79 11.83
N ALA A 185 -17.45 20.87 12.59
CA ALA A 185 -17.00 22.12 11.98
C ALA A 185 -15.63 21.96 11.31
N GLU A 186 -14.72 21.23 11.96
CA GLU A 186 -13.40 21.03 11.37
C GLU A 186 -13.48 20.18 10.10
N LEU A 187 -14.28 19.11 10.12
CA LEU A 187 -14.39 18.27 8.94
C LEU A 187 -14.96 19.04 7.76
N ILE A 188 -16.00 19.85 7.99
CA ILE A 188 -16.59 20.65 6.92
C ILE A 188 -15.53 21.56 6.31
N GLU A 189 -14.81 22.29 7.15
CA GLU A 189 -13.80 23.21 6.62
C GLU A 189 -12.67 22.46 5.92
N GLN A 190 -12.27 21.31 6.46
CA GLN A 190 -11.18 20.57 5.84
C GLN A 190 -11.60 20.00 4.48
N CYS A 191 -12.87 19.61 4.33
CA CYS A 191 -13.32 19.08 3.05
C CYS A 191 -13.48 20.20 2.04
N LEU A 192 -13.95 21.35 2.48
CA LEU A 192 -14.24 22.44 1.57
C LEU A 192 -12.97 23.14 1.13
N ALA A 193 -11.95 23.15 1.99
CA ALA A 193 -10.70 23.82 1.68
C ALA A 193 -9.93 23.17 0.54
N GLN A 194 -10.28 21.94 0.15
CA GLN A 194 -9.64 21.31 -1.01
C GLN A 194 -10.45 21.53 -2.28
N ASP A 195 -11.45 22.41 -2.24
CA ASP A 195 -12.32 22.72 -3.36
C ASP A 195 -13.01 21.45 -3.83
N PRO A 196 -14.09 21.07 -3.16
CA PRO A 196 -14.87 19.91 -3.54
C PRO A 196 -15.46 20.10 -4.93
N ARG A 197 -14.71 19.74 -5.97
CA ARG A 197 -15.19 19.92 -7.34
C ARG A 197 -14.48 19.00 -8.32
N GLN A 201 -17.59 21.61 -14.98
CA GLN A 201 -16.53 21.50 -13.99
C GLN A 201 -16.40 22.78 -13.16
N LYS A 202 -17.06 23.85 -13.61
CA LYS A 202 -17.01 25.13 -12.91
C LYS A 202 -18.27 25.34 -12.08
N PRO A 203 -18.13 25.85 -10.86
CA PRO A 203 -19.31 26.06 -9.99
C PRO A 203 -20.03 27.35 -10.36
N GLU A 204 -21.34 27.26 -10.45
CA GLU A 204 -22.18 28.42 -10.75
C GLU A 204 -22.36 29.30 -9.51
N PRO A 205 -22.52 30.60 -9.70
CA PRO A 205 -22.55 31.51 -8.54
C PRO A 205 -23.85 31.46 -7.75
N GLY A 206 -24.98 31.21 -8.38
CA GLY A 206 -26.21 31.16 -7.64
C GLY A 206 -26.63 29.79 -7.16
N ARG A 207 -25.89 28.75 -7.51
CA ARG A 207 -26.26 27.37 -7.20
C ARG A 207 -25.77 26.99 -5.80
N ARG A 208 -26.58 26.21 -5.10
CA ARG A 208 -26.23 25.73 -3.78
C ARG A 208 -25.58 24.36 -3.93
N TYR A 209 -24.52 24.05 -3.18
CA TYR A 209 -23.90 22.73 -3.24
C TYR A 209 -23.87 22.12 -1.84
N GLY A 210 -23.77 20.80 -1.77
CA GLY A 210 -23.83 20.18 -0.46
C GLY A 210 -23.28 18.78 -0.44
N VAL A 211 -23.03 18.30 0.78
CA VAL A 211 -22.59 16.93 0.98
C VAL A 211 -23.16 16.40 2.29
N ARG A 212 -23.36 15.09 2.33
CA ARG A 212 -23.75 14.41 3.55
C ARG A 212 -22.51 14.01 4.34
N LEU A 213 -22.48 14.40 5.62
CA LEU A 213 -21.46 13.97 6.56
C LEU A 213 -22.18 13.41 7.78
N TRP A 214 -21.82 12.19 8.17
CA TRP A 214 -22.53 11.49 9.23
C TRP A 214 -24.03 11.49 8.91
N ASP A 215 -24.86 11.98 9.84
CA ASP A 215 -26.28 12.09 9.59
C ASP A 215 -26.70 13.51 9.23
N LEU A 216 -25.77 14.33 8.76
CA LEU A 216 -26.01 15.73 8.45
C LEU A 216 -26.00 15.95 6.95
N ASP A 217 -26.67 17.02 6.53
CA ASP A 217 -26.56 17.56 5.18
C ASP A 217 -26.01 18.96 5.30
N VAL A 218 -24.82 19.20 4.74
CA VAL A 218 -24.16 20.50 4.81
C VAL A 218 -24.36 21.21 3.48
N HIS A 219 -24.68 22.50 3.55
CA HIS A 219 -25.00 23.29 2.36
C HIS A 219 -24.06 24.48 2.26
N TRP A 220 -23.63 24.79 1.03
CA TRP A 220 -22.76 25.92 0.81
C TRP A 220 -22.97 26.43 -0.62
N HIS A 221 -22.30 27.55 -0.93
CA HIS A 221 -22.30 28.10 -2.28
C HIS A 221 -21.00 28.85 -2.49
N TYR A 222 -20.84 29.36 -3.71
CA TYR A 222 -19.63 30.07 -4.13
C TYR A 222 -19.97 31.54 -4.35
N PRO A 223 -19.92 32.37 -3.31
CA PRO A 223 -20.19 33.81 -3.52
C PRO A 223 -19.21 34.45 -4.49
N ARG A 224 -18.01 33.89 -4.58
CA ARG A 224 -16.99 34.26 -5.55
C ARG A 224 -16.31 32.97 -6.00
N PRO A 225 -15.69 32.98 -7.18
CA PRO A 225 -15.02 31.76 -7.66
C PRO A 225 -13.91 31.27 -6.75
N ASP A 226 -13.39 32.10 -5.86
CA ASP A 226 -12.30 31.69 -4.97
C ASP A 226 -12.72 31.73 -3.51
N LEU A 227 -14.01 31.59 -3.24
CA LEU A 227 -14.46 31.65 -1.86
C LEU A 227 -15.70 30.76 -1.70
N ILE A 228 -15.68 29.92 -0.67
CA ILE A 228 -16.83 29.09 -0.31
C ILE A 228 -17.43 29.65 0.98
N ARG A 229 -18.76 29.76 0.99
CA ARG A 229 -19.50 30.21 2.17
C ARG A 229 -20.41 29.06 2.60
N VAL A 230 -20.26 28.62 3.84
CA VAL A 230 -21.10 27.55 4.37
C VAL A 230 -22.45 28.15 4.75
N LEU A 231 -23.52 27.57 4.21
CA LEU A 231 -24.85 28.12 4.41
C LEU A 231 -25.57 27.50 5.59
N ASP A 232 -25.63 26.17 5.63
CA ASP A 232 -26.51 25.52 6.59
C ASP A 232 -26.02 24.12 6.88
N VAL A 233 -26.30 23.66 8.10
CA VAL A 233 -26.06 22.28 8.50
C VAL A 233 -27.36 21.77 9.12
N ALA A 234 -27.86 20.65 8.61
CA ALA A 234 -29.15 20.11 9.01
C ALA A 234 -29.05 18.61 9.26
N GLY A 235 -29.98 18.12 10.07
CA GLY A 235 -30.04 16.71 10.42
C GLY A 235 -30.56 16.46 11.82
N GLU B 5 -18.03 -14.65 7.30
CA GLU B 5 -18.81 -15.69 6.62
C GLU B 5 -20.01 -15.08 5.90
N LEU B 6 -20.51 -13.97 6.42
CA LEU B 6 -21.68 -13.32 5.83
C LEU B 6 -21.35 -12.53 4.55
N MET B 7 -20.10 -12.53 4.11
CA MET B 7 -19.74 -11.98 2.81
C MET B 7 -18.49 -12.65 2.30
N THR B 8 -18.56 -13.24 1.10
CA THR B 8 -17.38 -13.76 0.42
C THR B 8 -17.24 -13.07 -0.93
N HIS B 9 -16.01 -12.77 -1.30
CA HIS B 9 -15.68 -12.10 -2.56
C HIS B 9 -14.56 -12.88 -3.24
N SER B 10 -14.66 -13.07 -4.54
CA SER B 10 -13.71 -13.89 -5.25
C SER B 10 -12.79 -13.02 -6.10
N VAL B 11 -11.49 -13.30 -6.03
CA VAL B 11 -10.48 -12.58 -6.77
C VAL B 11 -9.75 -13.59 -7.66
N SER B 12 -9.28 -13.10 -8.80
CA SER B 12 -8.52 -13.94 -9.70
C SER B 12 -7.28 -13.17 -10.14
N PRO B 13 -6.17 -13.86 -10.40
CA PRO B 13 -4.92 -13.15 -10.72
C PRO B 13 -5.04 -12.46 -12.07
N ILE B 14 -4.49 -11.24 -12.14
CA ILE B 14 -4.34 -10.58 -13.43
C ILE B 14 -3.05 -11.01 -14.11
N GLY B 15 -2.15 -11.66 -13.39
CA GLY B 15 -0.89 -12.10 -13.94
C GLY B 15 -0.08 -12.80 -12.88
N TYR B 16 1.07 -13.32 -13.29
CA TYR B 16 1.96 -14.04 -12.40
C TYR B 16 3.35 -13.47 -12.49
N ILE B 17 4.06 -13.53 -11.36
CA ILE B 17 5.42 -13.05 -11.26
C ILE B 17 6.35 -14.16 -11.72
N ARG B 18 7.32 -13.81 -12.56
CA ARG B 18 8.48 -14.64 -12.79
C ARG B 18 9.67 -13.90 -12.22
N SER B 19 10.35 -14.52 -11.26
CA SER B 19 11.21 -13.81 -10.34
C SER B 19 12.60 -14.42 -10.33
N CYS B 20 13.55 -13.67 -9.79
CA CYS B 20 14.87 -14.23 -9.54
C CYS B 20 14.87 -15.19 -8.36
N PHE B 21 13.88 -15.05 -7.46
CA PHE B 21 13.86 -15.79 -6.20
C PHE B 21 13.10 -17.10 -6.35
N MET B 22 13.76 -18.21 -6.07
CA MET B 22 13.13 -19.52 -6.03
C MET B 22 12.84 -20.00 -4.61
N GLU B 23 13.30 -19.30 -3.58
CA GLU B 23 13.06 -19.69 -2.19
C GLU B 23 12.87 -18.44 -1.33
N LYS B 24 12.11 -18.59 -0.27
CA LYS B 24 11.85 -17.46 0.62
C LYS B 24 13.09 -17.05 1.41
N PHE B 25 14.09 -17.93 1.54
CA PHE B 25 15.19 -17.74 2.49
C PHE B 25 15.94 -16.43 2.28
N ALA B 26 16.69 -16.32 1.19
CA ALA B 26 17.52 -15.13 1.00
C ALA B 26 16.77 -13.94 0.38
N ILE B 27 15.45 -13.95 0.39
CA ILE B 27 14.72 -12.79 -0.15
C ILE B 27 14.86 -11.61 0.81
N PRO B 28 15.27 -10.45 0.29
CA PRO B 28 15.58 -9.31 1.16
C PRO B 28 14.43 -8.82 2.03
N ARG B 29 14.80 -8.35 3.21
CA ARG B 29 13.90 -7.65 4.11
C ARG B 29 13.71 -6.19 3.70
N GLN B 30 14.76 -5.57 3.12
CA GLN B 30 14.66 -4.26 2.48
C GLN B 30 14.76 -4.43 0.96
N PRO B 31 13.67 -4.83 0.29
CA PRO B 31 13.78 -5.14 -1.15
C PRO B 31 14.21 -3.95 -2.00
N LEU B 32 13.68 -2.75 -1.74
CA LEU B 32 14.03 -1.63 -2.61
C LEU B 32 15.48 -1.22 -2.48
N LEU B 33 16.21 -1.73 -1.51
CA LEU B 33 17.66 -1.57 -1.49
C LEU B 33 18.38 -2.72 -2.17
N ALA B 34 17.65 -3.69 -2.74
CA ALA B 34 18.22 -4.70 -3.61
C ALA B 34 17.71 -4.43 -5.03
N PRO B 35 18.21 -3.38 -5.68
CA PRO B 35 17.70 -3.02 -7.02
C PRO B 35 18.03 -4.04 -8.08
N ALA B 36 18.99 -4.93 -7.85
CA ALA B 36 19.29 -5.98 -8.81
C ALA B 36 18.31 -7.15 -8.76
N ALA B 37 17.43 -7.19 -7.75
CA ALA B 37 16.34 -8.17 -7.71
C ALA B 37 15.29 -7.87 -8.78
N ARG B 38 15.45 -8.46 -9.96
CA ARG B 38 14.59 -8.21 -11.11
C ARG B 38 13.63 -9.36 -11.31
N GLY B 39 12.55 -9.08 -12.02
CA GLY B 39 11.53 -10.06 -12.35
C GLY B 39 10.56 -9.42 -13.32
N THR B 40 9.65 -10.25 -13.82
CA THR B 40 8.62 -9.75 -14.71
C THR B 40 7.25 -10.19 -14.22
N LEU B 41 6.25 -9.37 -14.52
CA LEU B 41 4.85 -9.69 -14.27
C LEU B 41 4.23 -10.01 -15.62
N GLU B 42 3.90 -11.28 -15.81
CA GLU B 42 3.27 -11.77 -17.04
C GLU B 42 1.76 -11.68 -16.87
N LEU B 43 1.12 -10.82 -17.66
CA LEU B 43 -0.30 -10.54 -17.49
C LEU B 43 -1.16 -11.49 -18.32
N LEU B 44 -2.37 -11.78 -17.80
CA LEU B 44 -3.31 -12.79 -18.26
C LEU B 44 -4.22 -12.25 -19.35
N PRO B 45 -4.89 -13.14 -20.09
CA PRO B 45 -5.58 -12.76 -21.35
C PRO B 45 -6.21 -11.38 -21.31
N PRO B 46 -7.18 -11.08 -20.42
CA PRO B 46 -7.94 -9.84 -20.65
C PRO B 46 -7.20 -8.59 -20.21
N PHE B 47 -6.12 -8.71 -19.43
CA PHE B 47 -5.35 -7.57 -18.95
C PHE B 47 -4.02 -7.43 -19.65
N ASP B 48 -3.85 -8.01 -20.84
CA ASP B 48 -2.57 -7.97 -21.53
C ASP B 48 -2.54 -7.01 -22.71
N GLN B 49 -3.52 -6.12 -22.83
CA GLN B 49 -3.45 -5.08 -23.85
C GLN B 49 -2.66 -3.89 -23.33
N VAL B 50 -1.93 -3.24 -24.24
CA VAL B 50 -1.14 -2.07 -23.88
C VAL B 50 -2.01 -0.95 -23.32
N GLU B 51 -3.31 -0.95 -23.64
CA GLU B 51 -4.19 0.12 -23.18
C GLU B 51 -4.39 0.07 -21.66
N ALA B 52 -4.32 -1.11 -21.06
CA ALA B 52 -4.49 -1.15 -19.61
C ALA B 52 -3.29 -0.53 -18.87
N LEU B 53 -2.21 -0.19 -19.59
CA LEU B 53 -1.00 0.34 -18.99
C LEU B 53 -0.65 1.77 -19.42
N GLU B 54 -1.43 2.37 -20.30
CA GLU B 54 -1.10 3.71 -20.79
C GLU B 54 -1.05 4.70 -19.63
N GLY B 55 0.02 5.48 -19.59
CA GLY B 55 0.27 6.43 -18.52
C GLY B 55 1.32 5.99 -17.53
N LEU B 56 1.58 4.69 -17.44
CA LEU B 56 2.61 4.17 -16.54
C LEU B 56 4.01 4.63 -16.96
N GLU B 57 4.16 5.16 -18.17
CA GLU B 57 5.45 5.67 -18.60
C GLU B 57 5.88 6.89 -17.80
N GLN B 58 4.97 7.50 -17.04
CA GLN B 58 5.31 8.63 -16.19
C GLN B 58 5.25 8.28 -14.71
N VAL B 59 5.21 7.00 -14.36
CA VAL B 59 5.22 6.57 -12.98
C VAL B 59 6.42 5.66 -12.76
N SER B 60 7.24 5.98 -11.75
CA SER B 60 8.46 5.21 -11.54
C SER B 60 8.19 3.92 -10.77
N HIS B 61 7.33 3.95 -9.76
CA HIS B 61 7.09 2.79 -8.92
C HIS B 61 5.62 2.39 -8.95
N VAL B 62 5.36 1.12 -8.66
CA VAL B 62 4.00 0.58 -8.65
C VAL B 62 3.83 -0.31 -7.43
N TRP B 63 2.62 -0.26 -6.86
CA TRP B 63 2.22 -1.23 -5.86
C TRP B 63 1.71 -2.47 -6.57
N LEU B 64 2.02 -3.63 -6.01
CA LEU B 64 1.43 -4.90 -6.43
C LEU B 64 0.73 -5.49 -5.21
N LEU B 65 -0.57 -5.73 -5.34
CA LEU B 65 -1.29 -6.57 -4.41
C LEU B 65 -1.25 -8.00 -4.95
N PHE B 66 -0.85 -8.94 -4.10
CA PHE B 66 -0.61 -10.30 -4.57
C PHE B 66 -1.06 -11.31 -3.51
N LEU B 67 -1.06 -12.58 -3.92
CA LEU B 67 -1.38 -13.68 -3.03
C LEU B 67 -0.09 -14.37 -2.56
N PHE B 68 0.02 -14.58 -1.25
CA PHE B 68 1.11 -15.35 -0.65
C PHE B 68 0.88 -16.83 -0.88
N HIS B 69 1.06 -17.26 -2.13
CA HIS B 69 0.66 -18.61 -2.48
C HIS B 69 1.54 -19.68 -1.83
N GLN B 70 2.74 -19.34 -1.39
CA GLN B 70 3.63 -20.30 -0.73
C GLN B 70 3.75 -20.06 0.77
N ALA B 71 2.72 -19.48 1.38
CA ALA B 71 2.70 -19.23 2.81
C ALA B 71 1.72 -20.24 3.41
N LEU B 72 2.18 -21.49 3.50
CA LEU B 72 1.37 -22.58 4.01
C LEU B 72 2.08 -23.29 5.15
N PRO B 76 -4.22 -17.68 12.03
CA PRO B 76 -2.91 -17.33 12.56
C PRO B 76 -2.83 -15.85 12.96
N ARG B 77 -3.52 -15.50 14.05
CA ARG B 77 -3.49 -14.12 14.55
C ARG B 77 -2.32 -13.92 15.52
N SER B 90 6.24 -11.05 21.03
CA SER B 90 4.85 -11.30 20.66
C SER B 90 4.21 -10.08 19.98
N LEU B 91 3.92 -10.20 18.69
CA LEU B 91 3.18 -9.19 17.95
C LEU B 91 1.93 -9.79 17.34
N GLY B 92 0.88 -8.97 17.23
CA GLY B 92 -0.32 -9.39 16.54
C GLY B 92 -0.12 -9.33 15.03
N VAL B 93 -0.89 -10.16 14.32
CA VAL B 93 -0.70 -10.29 12.88
C VAL B 93 -0.90 -8.94 12.20
N PHE B 94 -1.86 -8.15 12.66
CA PHE B 94 -2.14 -6.86 12.02
C PHE B 94 -1.09 -5.80 12.36
N ALA B 95 -0.20 -6.07 13.29
CA ALA B 95 0.91 -5.18 13.56
C ALA B 95 2.16 -5.53 12.76
N THR B 96 2.08 -6.53 11.89
CA THR B 96 3.25 -6.98 11.14
C THR B 96 2.94 -7.02 9.65
N ARG B 97 3.99 -7.18 8.85
CA ARG B 97 3.88 -7.47 7.43
C ARG B 97 4.08 -8.94 7.13
N ALA B 98 3.69 -9.81 8.05
CA ALA B 98 3.93 -11.24 7.91
C ALA B 98 3.17 -11.81 6.72
N THR B 99 3.68 -12.93 6.21
CA THR B 99 3.11 -13.60 5.05
C THR B 99 1.90 -14.47 5.38
N HIS B 100 1.66 -14.74 6.66
CA HIS B 100 0.49 -15.51 7.11
C HIS B 100 -0.55 -14.54 7.68
N ARG B 101 -1.56 -14.22 6.88
CA ARG B 101 -2.56 -13.22 7.22
C ARG B 101 -3.93 -13.79 6.92
N PRO B 102 -4.99 -13.26 7.56
CA PRO B 102 -6.35 -13.80 7.36
C PRO B 102 -6.85 -13.92 5.92
N ASN B 103 -6.52 -12.99 5.03
CA ASN B 103 -6.96 -13.09 3.65
C ASN B 103 -5.83 -13.44 2.70
N GLY B 104 -4.60 -13.50 3.21
CA GLY B 104 -3.43 -13.91 2.48
C GLY B 104 -3.01 -12.98 1.34
N ILE B 105 -3.16 -11.67 1.52
CA ILE B 105 -2.84 -10.70 0.48
C ILE B 105 -1.58 -9.94 0.87
N GLY B 106 -0.64 -9.85 -0.06
CA GLY B 106 0.55 -9.07 0.14
C GLY B 106 0.51 -7.75 -0.63
N GLN B 107 1.45 -6.87 -0.27
CA GLN B 107 1.53 -5.55 -0.90
C GLN B 107 2.99 -5.08 -0.88
N SER B 108 3.54 -4.86 -2.07
CA SER B 108 4.92 -4.41 -2.20
C SER B 108 4.97 -3.28 -3.21
N VAL B 109 5.84 -2.31 -2.96
CA VAL B 109 6.13 -1.28 -3.94
C VAL B 109 7.46 -1.64 -4.58
N VAL B 110 7.45 -1.79 -5.90
CA VAL B 110 8.64 -2.14 -6.67
C VAL B 110 8.84 -1.08 -7.74
N ARG B 111 10.07 -0.98 -8.22
CA ARG B 111 10.37 -0.06 -9.30
C ARG B 111 9.84 -0.62 -10.61
N LEU B 112 9.27 0.26 -11.43
CA LEU B 112 8.83 -0.11 -12.77
C LEU B 112 9.91 0.33 -13.76
N GLU B 113 10.58 -0.64 -14.37
CA GLU B 113 11.64 -0.33 -15.32
C GLU B 113 11.10 -0.09 -16.72
N GLY B 114 10.05 -0.78 -17.10
CA GLY B 114 9.48 -0.63 -18.42
C GLY B 114 8.33 -1.60 -18.52
N PHE B 115 7.61 -1.50 -19.65
CA PHE B 115 6.47 -2.38 -19.85
C PHE B 115 6.22 -2.59 -21.33
N GLU B 116 5.59 -3.73 -21.63
CA GLU B 116 5.14 -4.09 -22.96
C GLU B 116 3.64 -4.33 -22.93
N ALA B 117 3.13 -5.06 -23.92
CA ALA B 117 1.70 -5.28 -24.05
C ALA B 117 1.15 -6.00 -22.82
N GLY B 118 1.59 -7.24 -22.59
CA GLY B 118 1.12 -7.96 -21.42
C GLY B 118 2.23 -8.32 -20.47
N ARG B 119 3.11 -7.37 -20.16
CA ARG B 119 4.31 -7.67 -19.41
C ARG B 119 4.86 -6.41 -18.76
N LEU B 120 5.19 -6.49 -17.48
CA LEU B 120 5.90 -5.43 -16.77
C LEU B 120 7.29 -5.92 -16.39
N TRP B 121 8.28 -5.04 -16.49
CA TRP B 121 9.64 -5.32 -16.02
C TRP B 121 9.85 -4.66 -14.66
N LEU B 122 10.06 -5.47 -13.64
CA LEU B 122 10.13 -4.98 -12.27
C LEU B 122 11.55 -5.09 -11.71
N SER B 123 11.85 -4.22 -10.75
CA SER B 123 13.16 -4.16 -10.11
C SER B 123 12.98 -3.91 -8.61
N GLY B 124 13.89 -4.44 -7.80
CA GLY B 124 13.82 -4.29 -6.36
C GLY B 124 12.67 -5.01 -5.72
N ILE B 125 12.37 -6.22 -6.19
CA ILE B 125 11.22 -6.99 -5.77
C ILE B 125 11.55 -7.85 -4.55
N ASP B 126 10.51 -8.20 -3.80
CA ASP B 126 10.61 -9.13 -2.69
C ASP B 126 9.67 -10.32 -2.90
N LEU B 127 9.37 -10.63 -4.16
CA LEU B 127 8.32 -11.58 -4.50
C LEU B 127 8.89 -12.90 -5.00
N LEU B 128 8.30 -13.99 -4.53
CA LEU B 128 8.70 -15.33 -4.96
C LEU B 128 8.34 -15.55 -6.42
N ASP B 129 9.08 -16.45 -7.05
CA ASP B 129 8.73 -16.85 -8.40
C ASP B 129 7.37 -17.52 -8.39
N GLY B 130 6.55 -17.19 -9.40
CA GLY B 130 5.21 -17.74 -9.47
C GLY B 130 4.19 -17.05 -8.61
N THR B 131 4.43 -15.80 -8.23
CA THR B 131 3.48 -15.12 -7.35
C THR B 131 2.28 -14.63 -8.14
N PRO B 132 1.05 -14.99 -7.76
CA PRO B 132 -0.14 -14.47 -8.45
C PRO B 132 -0.42 -13.05 -8.01
N VAL B 133 -0.57 -12.14 -8.98
CA VAL B 133 -0.80 -10.72 -8.70
C VAL B 133 -2.26 -10.37 -8.96
N LEU B 134 -2.89 -9.73 -7.98
CA LEU B 134 -4.29 -9.35 -8.08
C LEU B 134 -4.51 -7.96 -8.65
N ASP B 135 -3.52 -7.06 -8.54
CA ASP B 135 -3.73 -5.67 -8.88
C ASP B 135 -2.40 -4.97 -9.08
N ILE B 136 -2.41 -3.92 -9.91
CA ILE B 136 -1.30 -3.01 -10.09
C ILE B 136 -1.81 -1.61 -9.78
N LYS B 137 -1.13 -0.90 -8.89
CA LYS B 137 -1.51 0.46 -8.54
C LYS B 137 -0.29 1.36 -8.69
N PRO B 138 -0.41 2.51 -9.35
CA PRO B 138 0.72 3.42 -9.43
C PRO B 138 1.03 4.02 -8.06
N TYR B 139 2.31 4.09 -7.73
CA TYR B 139 2.73 4.75 -6.51
C TYR B 139 2.49 6.25 -6.63
N VAL B 140 1.76 6.82 -5.68
CA VAL B 140 1.48 8.26 -5.69
C VAL B 140 2.17 8.90 -4.49
N PRO B 141 3.28 9.62 -4.70
CA PRO B 141 4.05 10.11 -3.52
C PRO B 141 3.25 10.96 -2.56
N TYR B 142 2.43 11.90 -3.05
CA TYR B 142 1.71 12.75 -2.10
C TYR B 142 0.71 11.95 -1.25
N ALA B 143 0.28 10.77 -1.70
CA ALA B 143 -0.66 9.97 -0.93
C ALA B 143 -0.03 8.79 -0.20
N ASP B 144 1.06 8.22 -0.75
CA ASP B 144 1.63 6.99 -0.21
C ASP B 144 2.88 7.22 0.65
N ALA B 145 3.56 8.36 0.51
CA ALA B 145 4.75 8.65 1.32
C ALA B 145 4.32 9.55 2.47
N VAL B 146 4.13 8.96 3.64
CA VAL B 146 3.67 9.68 4.84
C VAL B 146 4.91 10.11 5.62
N ALA B 147 5.28 11.39 5.49
CA ALA B 147 6.48 11.88 6.16
C ALA B 147 6.36 11.79 7.67
N ASP B 148 5.17 12.05 8.22
CA ASP B 148 5.04 12.00 9.66
C ASP B 148 4.84 10.60 10.20
N ALA B 149 4.88 9.58 9.34
CA ALA B 149 4.70 8.22 9.81
C ALA B 149 5.89 7.78 10.66
N ARG B 150 5.60 7.12 11.78
CA ARG B 150 6.60 6.54 12.65
C ARG B 150 6.17 5.14 13.04
N ASN B 151 7.08 4.17 12.86
CA ASN B 151 6.85 2.76 13.18
C ASN B 151 7.96 2.32 14.13
N GLY B 152 7.59 1.99 15.37
CA GLY B 152 8.59 1.64 16.36
C GLY B 152 9.21 0.27 16.13
N ILE B 153 8.40 -0.71 15.70
CA ILE B 153 8.97 -2.03 15.43
C ILE B 153 9.84 -2.02 14.18
N ALA B 154 9.61 -1.09 13.26
CA ALA B 154 10.42 -0.95 12.04
C ALA B 154 11.62 -0.07 12.31
N ASP B 155 11.41 1.26 12.26
CA ASP B 155 12.40 2.31 12.50
C ASP B 155 13.39 2.49 11.36
N ALA B 156 13.99 1.39 10.89
CA ALA B 156 15.09 1.48 9.94
C ALA B 156 15.25 0.13 9.25
N PRO B 157 15.78 0.10 8.03
CA PRO B 157 16.01 -1.18 7.34
C PRO B 157 16.97 -2.06 8.13
N PRO B 158 17.11 -3.32 7.73
CA PRO B 158 18.02 -4.21 8.45
C PRO B 158 19.45 -3.71 8.38
N PRO B 159 20.27 -4.02 9.38
CA PRO B 159 21.65 -3.48 9.46
C PRO B 159 22.51 -3.74 8.23
N GLY B 160 22.73 -5.00 7.88
CA GLY B 160 23.53 -5.24 6.70
C GLY B 160 24.85 -5.90 7.07
N ILE B 161 25.39 -6.69 6.14
CA ILE B 161 26.66 -7.38 6.32
C ILE B 161 27.55 -7.10 5.12
N ALA B 162 28.85 -7.09 5.36
CA ALA B 162 29.82 -6.96 4.28
C ALA B 162 29.92 -8.26 3.49
N VAL B 163 30.12 -8.15 2.19
CA VAL B 163 30.22 -9.29 1.28
C VAL B 163 31.52 -9.17 0.48
N GLU B 164 32.28 -10.27 0.42
CA GLU B 164 33.46 -10.36 -0.42
C GLU B 164 33.34 -11.63 -1.28
N TRP B 165 34.18 -11.72 -2.31
CA TRP B 165 34.08 -12.73 -3.35
C TRP B 165 35.33 -13.58 -3.45
N SER B 166 35.16 -14.88 -3.67
CA SER B 166 36.27 -15.67 -4.15
C SER B 166 36.48 -15.37 -5.62
N GLU B 167 37.74 -15.43 -6.06
CA GLU B 167 38.06 -15.13 -7.45
C GLU B 167 37.26 -16.00 -8.40
N GLN B 168 37.04 -17.26 -8.03
CA GLN B 168 36.24 -18.14 -8.88
C GLN B 168 34.80 -17.68 -8.94
N ALA B 169 34.22 -17.30 -7.80
CA ALA B 169 32.82 -16.90 -7.78
C ALA B 169 32.59 -15.62 -8.57
N ARG B 170 33.54 -14.67 -8.51
CA ARG B 170 33.41 -13.44 -9.27
C ARG B 170 33.35 -13.73 -10.76
N ARG B 171 34.25 -14.59 -11.24
CA ARG B 171 34.23 -14.96 -12.66
C ARG B 171 32.96 -15.74 -12.99
N GLN B 172 32.52 -16.63 -12.10
CA GLN B 172 31.34 -17.43 -12.39
C GLN B 172 30.08 -16.58 -12.44
N ALA B 173 29.93 -15.62 -11.52
CA ALA B 173 28.77 -14.74 -11.55
C ALA B 173 28.76 -13.90 -12.83
N HIS B 174 29.93 -13.50 -13.31
CA HIS B 174 30.00 -12.71 -14.53
C HIS B 174 29.54 -13.53 -15.74
N GLU B 175 30.03 -14.76 -15.85
CA GLU B 175 29.62 -15.63 -16.97
C GLU B 175 28.12 -15.86 -16.96
N HIS B 176 27.58 -16.31 -15.83
CA HIS B 176 26.15 -16.56 -15.75
C HIS B 176 25.34 -15.29 -15.88
N GLY B 177 25.92 -14.14 -15.53
CA GLY B 177 25.23 -12.89 -15.74
C GLY B 177 25.12 -12.56 -17.21
N GLN B 178 26.16 -12.85 -17.98
CA GLN B 178 26.08 -12.66 -19.43
C GLN B 178 25.13 -13.68 -20.05
N ARG B 179 25.08 -14.90 -19.52
CA ARG B 179 24.20 -15.93 -20.06
C ARG B 179 22.74 -15.60 -19.78
N LEU B 180 22.42 -15.22 -18.55
CA LEU B 180 21.04 -14.93 -18.20
C LEU B 180 20.62 -13.52 -18.56
N ARG B 181 21.56 -12.65 -18.90
CA ARG B 181 21.28 -11.22 -19.11
C ARG B 181 20.66 -10.61 -17.86
N GLN B 182 21.22 -10.98 -16.71
CA GLN B 182 20.80 -10.50 -15.40
C GLN B 182 22.01 -10.07 -14.59
N PRO B 183 21.87 -9.04 -13.76
CA PRO B 183 23.01 -8.64 -12.91
C PRO B 183 23.19 -9.61 -11.76
N VAL B 184 23.72 -10.79 -12.09
CA VAL B 184 23.83 -11.88 -11.13
C VAL B 184 24.71 -11.49 -9.95
N ALA B 185 25.86 -10.88 -10.23
CA ALA B 185 26.82 -10.55 -9.17
C ALA B 185 26.24 -9.54 -8.20
N GLU B 186 25.59 -8.49 -8.73
CA GLU B 186 25.01 -7.48 -7.86
C GLU B 186 23.86 -8.05 -7.04
N LEU B 187 23.02 -8.91 -7.65
CA LEU B 187 21.92 -9.53 -6.90
C LEU B 187 22.46 -10.39 -5.77
N ILE B 188 23.49 -11.21 -6.06
CA ILE B 188 24.09 -12.03 -5.02
C ILE B 188 24.61 -11.15 -3.88
N GLU B 189 25.32 -10.08 -4.24
CA GLU B 189 25.89 -9.22 -3.21
C GLU B 189 24.80 -8.53 -2.40
N GLN B 190 23.75 -8.06 -3.07
CA GLN B 190 22.67 -7.37 -2.37
C GLN B 190 21.86 -8.31 -1.51
N CYS B 191 21.69 -9.57 -1.95
CA CYS B 191 20.94 -10.52 -1.14
C CYS B 191 21.75 -10.99 0.05
N LEU B 192 23.07 -11.13 -0.11
CA LEU B 192 23.87 -11.69 0.96
C LEU B 192 24.08 -10.69 2.09
N ALA B 193 24.08 -9.39 1.79
CA ALA B 193 24.29 -8.39 2.83
C ALA B 193 23.21 -8.43 3.91
N GLN B 194 22.15 -9.19 3.68
CA GLN B 194 21.12 -9.53 4.64
C GLN B 194 21.32 -10.95 5.19
N ASP B 195 20.72 -11.91 4.49
CA ASP B 195 20.81 -13.35 4.75
C ASP B 195 20.41 -13.73 6.17
N PRO B 196 20.77 -14.95 6.57
CA PRO B 196 20.51 -15.47 7.91
C PRO B 196 19.02 -15.49 8.23
N PRO B 203 25.49 -17.95 11.63
CA PRO B 203 25.63 -19.14 12.46
C PRO B 203 27.06 -19.70 12.36
N GLU B 204 27.22 -20.94 11.88
CA GLU B 204 28.48 -21.64 12.00
C GLU B 204 29.58 -21.03 11.11
N PRO B 205 30.86 -21.10 11.55
CA PRO B 205 31.95 -20.46 10.80
C PRO B 205 32.46 -21.25 9.60
N GLY B 206 32.47 -22.57 9.68
CA GLY B 206 32.94 -23.36 8.56
C GLY B 206 31.90 -23.79 7.57
N ARG B 207 30.64 -23.54 7.88
CA ARG B 207 29.61 -23.98 6.98
C ARG B 207 29.46 -22.97 5.83
N ARG B 208 29.32 -23.55 4.64
CA ARG B 208 28.91 -22.98 3.33
C ARG B 208 27.36 -23.02 3.27
N TYR B 209 26.76 -21.92 2.89
CA TYR B 209 25.31 -21.90 2.81
C TYR B 209 24.91 -21.80 1.35
N GLY B 210 23.65 -22.02 1.01
CA GLY B 210 23.33 -21.93 -0.40
C GLY B 210 21.97 -21.35 -0.59
N VAL B 211 21.75 -20.81 -1.78
CA VAL B 211 20.45 -20.29 -2.16
C VAL B 211 20.34 -20.49 -3.65
N ARG B 212 19.13 -20.74 -4.11
CA ARG B 212 18.88 -20.79 -5.54
C ARG B 212 18.44 -19.40 -6.00
N LEU B 213 19.14 -18.85 -6.99
CA LEU B 213 18.75 -17.62 -7.64
C LEU B 213 18.73 -17.85 -9.14
N TRP B 214 17.62 -17.51 -9.80
CA TRP B 214 17.40 -17.83 -11.22
C TRP B 214 17.55 -19.35 -11.36
N ASP B 215 18.39 -19.85 -12.26
CA ASP B 215 18.68 -21.27 -12.37
C ASP B 215 20.03 -21.62 -11.73
N LEU B 216 20.51 -20.79 -10.81
CA LEU B 216 21.82 -20.96 -10.22
C LEU B 216 21.74 -21.43 -8.77
N ASP B 217 22.80 -22.08 -8.33
CA ASP B 217 23.05 -22.40 -6.94
C ASP B 217 24.23 -21.57 -6.48
N VAL B 218 24.00 -20.69 -5.51
CA VAL B 218 25.05 -19.84 -4.97
C VAL B 218 25.45 -20.36 -3.59
N HIS B 219 26.75 -20.43 -3.34
CA HIS B 219 27.28 -20.93 -2.08
C HIS B 219 28.17 -19.87 -1.44
N TRP B 220 28.11 -19.77 -0.11
CA TRP B 220 28.91 -18.80 0.62
C TRP B 220 29.19 -19.34 2.01
N HIS B 221 30.01 -18.60 2.76
CA HIS B 221 30.33 -18.95 4.14
C HIS B 221 30.67 -17.67 4.89
N TYR B 222 30.94 -17.83 6.19
CA TYR B 222 31.27 -16.73 7.10
C TYR B 222 32.72 -16.86 7.56
N PRO B 223 33.68 -16.28 6.83
CA PRO B 223 35.06 -16.29 7.33
C PRO B 223 35.21 -15.52 8.62
N ARG B 224 34.33 -14.55 8.87
CA ARG B 224 34.27 -13.82 10.11
C ARG B 224 32.81 -13.60 10.44
N PRO B 225 32.47 -13.39 11.72
CA PRO B 225 31.06 -13.26 12.08
C PRO B 225 30.35 -12.11 11.38
N ASP B 226 31.08 -11.11 10.88
CA ASP B 226 30.47 -9.95 10.23
C ASP B 226 30.89 -9.83 8.77
N LEU B 227 31.27 -10.92 8.14
CA LEU B 227 31.70 -10.87 6.75
C LEU B 227 31.29 -12.16 6.05
N ILE B 228 30.65 -12.02 4.90
CA ILE B 228 30.24 -13.13 4.06
C ILE B 228 31.17 -13.17 2.85
N ARG B 229 31.60 -14.37 2.49
CA ARG B 229 32.43 -14.60 1.32
C ARG B 229 31.69 -15.53 0.38
N VAL B 230 31.53 -15.11 -0.87
CA VAL B 230 30.87 -15.93 -1.89
C VAL B 230 31.85 -16.97 -2.40
N LEU B 231 31.44 -18.23 -2.39
CA LEU B 231 32.33 -19.33 -2.76
C LEU B 231 32.25 -19.66 -4.24
N ASP B 232 31.05 -19.95 -4.74
CA ASP B 232 30.91 -20.39 -6.11
C ASP B 232 29.49 -20.12 -6.57
N VAL B 233 29.35 -19.95 -7.88
CA VAL B 233 28.06 -19.81 -8.56
C VAL B 233 28.02 -20.83 -9.69
N ALA B 234 27.02 -21.71 -9.67
CA ALA B 234 26.92 -22.76 -10.68
C ALA B 234 25.46 -22.98 -11.04
N GLY B 235 25.24 -23.49 -12.25
CA GLY B 235 23.90 -23.79 -12.72
C GLY B 235 23.38 -25.07 -12.10
#